data_7RVF
# 
_entry.id   7RVF 
# 
_audit_conform.dict_name       mmcif_pdbx.dic 
_audit_conform.dict_version    5.392 
_audit_conform.dict_location   http://mmcif.pdb.org/dictionaries/ascii/mmcif_pdbx.dic 
# 
loop_
_database_2.database_id 
_database_2.database_code 
_database_2.pdbx_database_accession 
_database_2.pdbx_DOI 
PDB   7RVF         pdb_00007rvf 10.2210/pdb7rvf/pdb 
WWPDB D_1000259069 ?            ?                   
# 
loop_
_pdbx_audit_revision_history.ordinal 
_pdbx_audit_revision_history.data_content_type 
_pdbx_audit_revision_history.major_revision 
_pdbx_audit_revision_history.minor_revision 
_pdbx_audit_revision_history.revision_date 
1 'Structure model' 1 0 2022-08-24 
2 'Structure model' 1 1 2024-05-22 
# 
_pdbx_audit_revision_details.ordinal             1 
_pdbx_audit_revision_details.revision_ordinal    1 
_pdbx_audit_revision_details.data_content_type   'Structure model' 
_pdbx_audit_revision_details.provider            repository 
_pdbx_audit_revision_details.type                'Initial release' 
_pdbx_audit_revision_details.description         ? 
_pdbx_audit_revision_details.details             ? 
# 
_pdbx_audit_revision_group.ordinal             1 
_pdbx_audit_revision_group.revision_ordinal    2 
_pdbx_audit_revision_group.data_content_type   'Structure model' 
_pdbx_audit_revision_group.group               'Data collection' 
# 
loop_
_pdbx_audit_revision_category.ordinal 
_pdbx_audit_revision_category.revision_ordinal 
_pdbx_audit_revision_category.data_content_type 
_pdbx_audit_revision_category.category 
1 2 'Structure model' chem_comp_atom 
2 2 'Structure model' chem_comp_bond 
# 
_pdbx_database_status.status_code                     REL 
_pdbx_database_status.status_code_sf                  REL 
_pdbx_database_status.status_code_mr                  ? 
_pdbx_database_status.entry_id                        7RVF 
_pdbx_database_status.recvd_initial_deposition_date   2021-08-18 
_pdbx_database_status.SG_entry                        N 
_pdbx_database_status.deposit_site                    RCSB 
_pdbx_database_status.process_site                    RCSB 
_pdbx_database_status.status_code_cs                  ? 
_pdbx_database_status.status_code_nmr_data            ? 
_pdbx_database_status.methods_development_category    ? 
_pdbx_database_status.pdb_format_compatible           Y 
# 
loop_
_audit_author.name 
_audit_author.pdbx_ordinal 
_audit_author.identifier_ORCID 
'Glynn, C.'       1 ? 
'Rodriguez, J.A.' 2 ? 
'Hernandez, E.'   3 ? 
# 
_citation.abstract                  ? 
_citation.abstract_id_CAS           ? 
_citation.book_id_ISBN              ? 
_citation.book_publisher            ? 
_citation.book_publisher_city       ? 
_citation.book_title                ? 
_citation.coordinate_linkage        ? 
_citation.country                   ? 
_citation.database_id_Medline       ? 
_citation.details                   ? 
_citation.id                        primary 
_citation.journal_abbrev            'To be published' 
_citation.journal_id_ASTM           ? 
_citation.journal_id_CSD            0353 
_citation.journal_id_ISSN           ? 
_citation.journal_full              ? 
_citation.journal_issue             ? 
_citation.journal_volume            ? 
_citation.language                  ? 
_citation.page_first                ? 
_citation.page_last                 ? 
_citation.title                     
'Structural and Biophysical Consequences of Sequence Variation in the B2a2 Loop of Mammalian Prions' 
_citation.year                      ? 
_citation.database_id_CSD           ? 
_citation.pdbx_database_id_DOI      ? 
_citation.pdbx_database_id_PubMed   ? 
_citation.pdbx_database_id_patent   ? 
_citation.unpublished_flag          ? 
# 
loop_
_citation_author.citation_id 
_citation_author.name 
_citation_author.ordinal 
_citation_author.identifier_ORCID 
primary 'Glynn, C.'           1 ? 
primary 'Hernandez, E.'       2 ? 
primary 'Gallagher-Jones, M.' 3 ? 
primary 'Miao, J.'            4 ? 
primary 'Rodriguez, J.A.'     5 ? 
# 
loop_
_entity.id 
_entity.type 
_entity.src_method 
_entity.pdbx_description 
_entity.formula_weight 
_entity.pdbx_number_of_molecules 
_entity.pdbx_ec 
_entity.pdbx_mutation 
_entity.pdbx_fragment 
_entity.details 
1 polymer syn 'Major prion protein' 1124.162 1 ? Y169F 'UNP residues 168-176' ? 
2 water   nat water                 18.015   2 ? ?     ?                      ? 
# 
_entity_poly.entity_id                      1 
_entity_poly.type                           'polypeptide(L)' 
_entity_poly.nstd_linkage                   no 
_entity_poly.nstd_monomer                   no 
_entity_poly.pdbx_seq_one_letter_code       QFNNQNNFV 
_entity_poly.pdbx_seq_one_letter_code_can   QFNNQNNFV 
_entity_poly.pdbx_strand_id                 A 
_entity_poly.pdbx_target_identifier         ? 
# 
_pdbx_entity_nonpoly.entity_id   2 
_pdbx_entity_nonpoly.name        water 
_pdbx_entity_nonpoly.comp_id     HOH 
# 
loop_
_entity_poly_seq.entity_id 
_entity_poly_seq.num 
_entity_poly_seq.mon_id 
_entity_poly_seq.hetero 
1 1 GLN n 
1 2 PHE n 
1 3 ASN n 
1 4 ASN n 
1 5 GLN n 
1 6 ASN n 
1 7 ASN n 
1 8 PHE n 
1 9 VAL n 
# 
_pdbx_entity_src_syn.entity_id              1 
_pdbx_entity_src_syn.pdbx_src_id            1 
_pdbx_entity_src_syn.pdbx_alt_source_flag   sample 
_pdbx_entity_src_syn.pdbx_beg_seq_num       1 
_pdbx_entity_src_syn.pdbx_end_seq_num       9 
_pdbx_entity_src_syn.organism_scientific    'Myodes glareolus' 
_pdbx_entity_src_syn.organism_common_name   'Bank vole, Clethrionomys glareolus' 
_pdbx_entity_src_syn.ncbi_taxonomy_id       447135 
_pdbx_entity_src_syn.details                ? 
# 
loop_
_chem_comp.id 
_chem_comp.type 
_chem_comp.mon_nstd_flag 
_chem_comp.name 
_chem_comp.pdbx_synonyms 
_chem_comp.formula 
_chem_comp.formula_weight 
ASN 'L-peptide linking' y ASPARAGINE    ? 'C4 H8 N2 O3'  132.118 
GLN 'L-peptide linking' y GLUTAMINE     ? 'C5 H10 N2 O3' 146.144 
HOH non-polymer         . WATER         ? 'H2 O'         18.015  
PHE 'L-peptide linking' y PHENYLALANINE ? 'C9 H11 N O2'  165.189 
TYR 'L-peptide linking' y TYROSINE      ? 'C9 H11 N O3'  181.189 
VAL 'L-peptide linking' y VALINE        ? 'C5 H11 N O2'  117.146 
# 
loop_
_pdbx_poly_seq_scheme.asym_id 
_pdbx_poly_seq_scheme.entity_id 
_pdbx_poly_seq_scheme.seq_id 
_pdbx_poly_seq_scheme.mon_id 
_pdbx_poly_seq_scheme.ndb_seq_num 
_pdbx_poly_seq_scheme.pdb_seq_num 
_pdbx_poly_seq_scheme.auth_seq_num 
_pdbx_poly_seq_scheme.pdb_mon_id 
_pdbx_poly_seq_scheme.auth_mon_id 
_pdbx_poly_seq_scheme.pdb_strand_id 
_pdbx_poly_seq_scheme.pdb_ins_code 
_pdbx_poly_seq_scheme.hetero 
A 1 1 GLN 1 168 168 GLN GLN A . n 
A 1 2 PHE 2 169 169 PHE PHE A . n 
A 1 3 ASN 3 170 170 ASN ASN A . n 
A 1 4 ASN 4 171 171 ASN ASN A . n 
A 1 5 GLN 5 172 172 GLN GLN A . n 
A 1 6 ASN 6 173 173 ASN ASN A . n 
A 1 7 ASN 7 174 174 ASN ASN A . n 
A 1 8 PHE 8 175 175 PHE PHE A . n 
A 1 9 VAL 9 176 176 VAL VAL A . n 
# 
loop_
_pdbx_nonpoly_scheme.asym_id 
_pdbx_nonpoly_scheme.entity_id 
_pdbx_nonpoly_scheme.mon_id 
_pdbx_nonpoly_scheme.ndb_seq_num 
_pdbx_nonpoly_scheme.pdb_seq_num 
_pdbx_nonpoly_scheme.auth_seq_num 
_pdbx_nonpoly_scheme.pdb_mon_id 
_pdbx_nonpoly_scheme.auth_mon_id 
_pdbx_nonpoly_scheme.pdb_strand_id 
_pdbx_nonpoly_scheme.pdb_ins_code 
B 2 HOH 1 201 2 HOH HOH A . 
B 2 HOH 2 202 1 HOH HOH A . 
# 
loop_
_software.citation_id 
_software.classification 
_software.compiler_name 
_software.compiler_version 
_software.contact_author 
_software.contact_author_email 
_software.date 
_software.description 
_software.dependencies 
_software.hardware 
_software.language 
_software.location 
_software.mods 
_software.name 
_software.os 
_software.os_version 
_software.type 
_software.version 
_software.pdbx_ordinal 
? refinement        ? ? ? ? ? ? ? ? ? ? ? REFMAC      ? ? ? 5.8.0267 1 
? 'data scaling'    ? ? ? ? ? ? ? ? ? ? ? XSCALE      ? ? ? .        2 
? 'data extraction' ? ? ? ? ? ? ? ? ? ? ? PDB_EXTRACT ? ? ? 3.27     3 
? 'data reduction'  ? ? ? ? ? ? ? ? ? ? ? XDS         ? ? ? .        4 
? phasing           ? ? ? ? ? ? ? ? ? ? ? SHELXD      ? ? ? .        5 
# 
_cell.angle_alpha                  93.890 
_cell.angle_alpha_esd              ? 
_cell.angle_beta                   92.380 
_cell.angle_beta_esd               ? 
_cell.angle_gamma                  103.290 
_cell.angle_gamma_esd              ? 
_cell.entry_id                     7RVF 
_cell.details                      ? 
_cell.formula_units_Z              ? 
_cell.length_a                     4.880 
_cell.length_a_esd                 ? 
_cell.length_b                     10.560 
_cell.length_b_esd                 ? 
_cell.length_c                     29.980 
_cell.length_c_esd                 ? 
_cell.volume                       ? 
_cell.volume_esd                   ? 
_cell.Z_PDB                        1 
_cell.reciprocal_angle_alpha       ? 
_cell.reciprocal_angle_beta        ? 
_cell.reciprocal_angle_gamma       ? 
_cell.reciprocal_angle_alpha_esd   ? 
_cell.reciprocal_angle_beta_esd    ? 
_cell.reciprocal_angle_gamma_esd   ? 
_cell.reciprocal_length_a          ? 
_cell.reciprocal_length_b          ? 
_cell.reciprocal_length_c          ? 
_cell.reciprocal_length_a_esd      ? 
_cell.reciprocal_length_b_esd      ? 
_cell.reciprocal_length_c_esd      ? 
_cell.pdbx_unique_axis             ? 
# 
_symmetry.entry_id                         7RVF 
_symmetry.cell_setting                     ? 
_symmetry.Int_Tables_number                1 
_symmetry.space_group_name_Hall            ? 
_symmetry.space_group_name_H-M             'P 1' 
_symmetry.pdbx_full_space_group_name_H-M   ? 
# 
_exptl.absorpt_coefficient_mu     ? 
_exptl.absorpt_correction_T_max   ? 
_exptl.absorpt_correction_T_min   ? 
_exptl.absorpt_correction_type    ? 
_exptl.absorpt_process_details    ? 
_exptl.entry_id                   7RVF 
_exptl.crystals_number            1 
_exptl.details                    ? 
_exptl.method                     'ELECTRON CRYSTALLOGRAPHY' 
_exptl.method_details             ? 
# 
_exptl_crystal.colour                      ? 
_exptl_crystal.density_diffrn              ? 
_exptl_crystal.density_Matthews            ? 
_exptl_crystal.density_method              ? 
_exptl_crystal.density_percent_sol         ? 
_exptl_crystal.description                 ? 
_exptl_crystal.F_000                       ? 
_exptl_crystal.id                          1 
_exptl_crystal.preparation                 ? 
_exptl_crystal.size_max                    ? 
_exptl_crystal.size_mid                    ? 
_exptl_crystal.size_min                    ? 
_exptl_crystal.size_rad                    ? 
_exptl_crystal.colour_lustre               ? 
_exptl_crystal.colour_modifier             ? 
_exptl_crystal.colour_primary              ? 
_exptl_crystal.density_meas                ? 
_exptl_crystal.density_meas_esd            ? 
_exptl_crystal.density_meas_gt             ? 
_exptl_crystal.density_meas_lt             ? 
_exptl_crystal.density_meas_temp           ? 
_exptl_crystal.density_meas_temp_esd       ? 
_exptl_crystal.density_meas_temp_gt        ? 
_exptl_crystal.density_meas_temp_lt        ? 
_exptl_crystal.pdbx_crystal_image_url      ? 
_exptl_crystal.pdbx_crystal_image_format   ? 
_exptl_crystal.pdbx_mosaicity              ? 
_exptl_crystal.pdbx_mosaicity_esd          ? 
# 
_exptl_crystal_grow.apparatus       ? 
_exptl_crystal_grow.atmosphere      ? 
_exptl_crystal_grow.crystal_id      1 
_exptl_crystal_grow.details         ? 
_exptl_crystal_grow.method          'VAPOR DIFFUSION, HANGING DROP' 
_exptl_crystal_grow.method_ref      ? 
_exptl_crystal_grow.pH              6 
_exptl_crystal_grow.pressure        ? 
_exptl_crystal_grow.pressure_esd    ? 
_exptl_crystal_grow.seeding         ? 
_exptl_crystal_grow.seeding_ref     ? 
_exptl_crystal_grow.temp            298 
_exptl_crystal_grow.temp_details    ? 
_exptl_crystal_grow.temp_esd        ? 
_exptl_crystal_grow.time            ? 
_exptl_crystal_grow.pdbx_details    '0.2 M MES, pH 6, 10% MPD' 
_exptl_crystal_grow.pdbx_pH_range   ? 
# 
_diffrn.ambient_environment              ? 
_diffrn.ambient_temp                     100 
_diffrn.ambient_temp_details             ? 
_diffrn.ambient_temp_esd                 ? 
_diffrn.crystal_id                       1 
_diffrn.crystal_support                  ? 
_diffrn.crystal_treatment                ? 
_diffrn.details                          ? 
_diffrn.id                               1 
_diffrn.ambient_pressure                 ? 
_diffrn.ambient_pressure_esd             ? 
_diffrn.ambient_pressure_gt              ? 
_diffrn.ambient_pressure_lt              ? 
_diffrn.ambient_temp_gt                  ? 
_diffrn.ambient_temp_lt                  ? 
_diffrn.pdbx_serial_crystal_experiment   N 
# 
_diffrn_detector.details                      ? 
_diffrn_detector.detector                     CMOS 
_diffrn_detector.diffrn_id                    1 
_diffrn_detector.type                         'TVIPS TEMCAM-F416' 
_diffrn_detector.area_resol_mean              ? 
_diffrn_detector.dtime                        ? 
_diffrn_detector.pdbx_frames_total            ? 
_diffrn_detector.pdbx_collection_time_total   ? 
_diffrn_detector.pdbx_collection_date         2017-03-22 
_diffrn_detector.pdbx_frequency               ? 
# 
_diffrn_radiation.collimation                      ? 
_diffrn_radiation.diffrn_id                        1 
_diffrn_radiation.filter_edge                      ? 
_diffrn_radiation.inhomogeneity                    ? 
_diffrn_radiation.monochromator                    ? 
_diffrn_radiation.polarisn_norm                    ? 
_diffrn_radiation.polarisn_ratio                   ? 
_diffrn_radiation.probe                            ? 
_diffrn_radiation.type                             ? 
_diffrn_radiation.xray_symbol                      ? 
_diffrn_radiation.wavelength_id                    1 
_diffrn_radiation.pdbx_monochromatic_or_laue_m_l   M 
_diffrn_radiation.pdbx_wavelength_list             ? 
_diffrn_radiation.pdbx_wavelength                  ? 
_diffrn_radiation.pdbx_diffrn_protocol             'SINGLE WAVELENGTH' 
_diffrn_radiation.pdbx_analyzer                    ? 
_diffrn_radiation.pdbx_scattering_type             electron 
# 
_diffrn_radiation_wavelength.id           1 
_diffrn_radiation_wavelength.wavelength   0.0251 
_diffrn_radiation_wavelength.wt           1.0 
# 
_diffrn_source.current                     ? 
_diffrn_source.details                     ? 
_diffrn_source.diffrn_id                   1 
_diffrn_source.power                       ? 
_diffrn_source.size                        ? 
_diffrn_source.source                      'ELECTRON MICROSCOPE' 
_diffrn_source.target                      ? 
_diffrn_source.type                        OTHER 
_diffrn_source.voltage                     ? 
_diffrn_source.take-off_angle              ? 
_diffrn_source.pdbx_wavelength_list        0.0251 
_diffrn_source.pdbx_wavelength             ? 
_diffrn_source.pdbx_synchrotron_beamline   ? 
_diffrn_source.pdbx_synchrotron_site       ? 
# 
_reflns.B_iso_Wilson_estimate                          8.937 
_reflns.entry_id                                       7RVF 
_reflns.data_reduction_details                         ? 
_reflns.data_reduction_method                          ? 
_reflns.d_resolution_high                              1.000 
_reflns.d_resolution_low                               10.240 
_reflns.details                                        ? 
_reflns.limit_h_max                                    ? 
_reflns.limit_h_min                                    ? 
_reflns.limit_k_max                                    ? 
_reflns.limit_k_min                                    ? 
_reflns.limit_l_max                                    ? 
_reflns.limit_l_min                                    ? 
_reflns.number_all                                     ? 
_reflns.number_obs                                     2938 
_reflns.observed_criterion                             ? 
_reflns.observed_criterion_F_max                       ? 
_reflns.observed_criterion_F_min                       ? 
_reflns.observed_criterion_I_max                       ? 
_reflns.observed_criterion_I_min                       ? 
_reflns.observed_criterion_sigma_F                     ? 
_reflns.observed_criterion_sigma_I                     ? 
_reflns.percent_possible_obs                           94.800 
_reflns.R_free_details                                 ? 
_reflns.Rmerge_F_all                                   ? 
_reflns.Rmerge_F_obs                                   ? 
_reflns.Friedel_coverage                               ? 
_reflns.number_gt                                      ? 
_reflns.threshold_expression                           ? 
_reflns.pdbx_redundancy                                6.239 
_reflns.pdbx_Rmerge_I_obs                              0.229 
_reflns.pdbx_Rmerge_I_all                              ? 
_reflns.pdbx_Rsym_value                                ? 
_reflns.pdbx_netI_over_av_sigmaI                       ? 
_reflns.pdbx_netI_over_sigmaI                          5.330 
_reflns.pdbx_res_netI_over_av_sigmaI_2                 ? 
_reflns.pdbx_res_netI_over_sigmaI_2                    ? 
_reflns.pdbx_chi_squared                               0.886 
_reflns.pdbx_scaling_rejects                           24 
_reflns.pdbx_d_res_high_opt                            ? 
_reflns.pdbx_d_res_low_opt                             ? 
_reflns.pdbx_d_res_opt_method                          ? 
_reflns.phase_calculation_details                      ? 
_reflns.pdbx_Rrim_I_all                                0.248 
_reflns.pdbx_Rpim_I_all                                ? 
_reflns.pdbx_d_opt                                     ? 
_reflns.pdbx_number_measured_all                       18329 
_reflns.pdbx_diffrn_id                                 1 
_reflns.pdbx_ordinal                                   1 
_reflns.pdbx_CC_half                                   0.980 
_reflns.pdbx_CC_star                                   ? 
_reflns.pdbx_R_split                                   ? 
_reflns.pdbx_aniso_diffraction_limit_axis_1_ortho[1]   ? 
_reflns.pdbx_aniso_diffraction_limit_axis_1_ortho[2]   ? 
_reflns.pdbx_aniso_diffraction_limit_axis_1_ortho[3]   ? 
_reflns.pdbx_aniso_diffraction_limit_axis_2_ortho[1]   ? 
_reflns.pdbx_aniso_diffraction_limit_axis_2_ortho[2]   ? 
_reflns.pdbx_aniso_diffraction_limit_axis_2_ortho[3]   ? 
_reflns.pdbx_aniso_diffraction_limit_axis_3_ortho[1]   ? 
_reflns.pdbx_aniso_diffraction_limit_axis_3_ortho[2]   ? 
_reflns.pdbx_aniso_diffraction_limit_axis_3_ortho[3]   ? 
_reflns.pdbx_aniso_diffraction_limit_1                 ? 
_reflns.pdbx_aniso_diffraction_limit_2                 ? 
_reflns.pdbx_aniso_diffraction_limit_3                 ? 
_reflns.pdbx_aniso_B_tensor_eigenvector_1_ortho[1]     ? 
_reflns.pdbx_aniso_B_tensor_eigenvector_1_ortho[2]     ? 
_reflns.pdbx_aniso_B_tensor_eigenvector_1_ortho[3]     ? 
_reflns.pdbx_aniso_B_tensor_eigenvector_2_ortho[1]     ? 
_reflns.pdbx_aniso_B_tensor_eigenvector_2_ortho[2]     ? 
_reflns.pdbx_aniso_B_tensor_eigenvector_2_ortho[3]     ? 
_reflns.pdbx_aniso_B_tensor_eigenvector_3_ortho[1]     ? 
_reflns.pdbx_aniso_B_tensor_eigenvector_3_ortho[2]     ? 
_reflns.pdbx_aniso_B_tensor_eigenvector_3_ortho[3]     ? 
_reflns.pdbx_aniso_B_tensor_eigenvalue_1               ? 
_reflns.pdbx_aniso_B_tensor_eigenvalue_2               ? 
_reflns.pdbx_aniso_B_tensor_eigenvalue_3               ? 
_reflns.pdbx_orthogonalization_convention              ? 
_reflns.pdbx_percent_possible_ellipsoidal              ? 
_reflns.pdbx_percent_possible_spherical                ? 
_reflns.pdbx_percent_possible_ellipsoidal_anomalous    ? 
_reflns.pdbx_percent_possible_spherical_anomalous      ? 
_reflns.pdbx_redundancy_anomalous                      ? 
_reflns.pdbx_CC_half_anomalous                         ? 
_reflns.pdbx_absDiff_over_sigma_anomalous              ? 
_reflns.pdbx_percent_possible_anomalous                ? 
_reflns.pdbx_observed_signal_threshold                 ? 
_reflns.pdbx_signal_type                               ? 
_reflns.pdbx_signal_details                            ? 
_reflns.pdbx_signal_software_id                        ? 
# 
loop_
_reflns_shell.d_res_high 
_reflns_shell.d_res_low 
_reflns_shell.meanI_over_sigI_all 
_reflns_shell.meanI_over_sigI_obs 
_reflns_shell.number_measured_all 
_reflns_shell.number_measured_obs 
_reflns_shell.number_possible 
_reflns_shell.number_unique_all 
_reflns_shell.number_unique_obs 
_reflns_shell.percent_possible_all 
_reflns_shell.percent_possible_obs 
_reflns_shell.Rmerge_F_all 
_reflns_shell.Rmerge_F_obs 
_reflns_shell.Rmerge_I_all 
_reflns_shell.Rmerge_I_obs 
_reflns_shell.meanI_over_sigI_gt 
_reflns_shell.meanI_over_uI_all 
_reflns_shell.meanI_over_uI_gt 
_reflns_shell.number_measured_gt 
_reflns_shell.number_unique_gt 
_reflns_shell.percent_possible_gt 
_reflns_shell.Rmerge_F_gt 
_reflns_shell.Rmerge_I_gt 
_reflns_shell.pdbx_redundancy 
_reflns_shell.pdbx_Rsym_value 
_reflns_shell.pdbx_chi_squared 
_reflns_shell.pdbx_netI_over_sigmaI_all 
_reflns_shell.pdbx_netI_over_sigmaI_obs 
_reflns_shell.pdbx_Rrim_I_all 
_reflns_shell.pdbx_Rpim_I_all 
_reflns_shell.pdbx_rejects 
_reflns_shell.pdbx_ordinal 
_reflns_shell.pdbx_diffrn_id 
_reflns_shell.pdbx_CC_half 
_reflns_shell.pdbx_CC_star 
_reflns_shell.pdbx_R_split 
_reflns_shell.pdbx_percent_possible_ellipsoidal 
_reflns_shell.pdbx_percent_possible_spherical 
_reflns_shell.pdbx_percent_possible_ellipsoidal_anomalous 
_reflns_shell.pdbx_percent_possible_spherical_anomalous 
_reflns_shell.pdbx_redundancy_anomalous 
_reflns_shell.pdbx_CC_half_anomalous 
_reflns_shell.pdbx_absDiff_over_sigma_anomalous 
_reflns_shell.pdbx_percent_possible_anomalous 
1.000 1.030  ? 2.280  ? 634  224 ? 123 54.900 ? ? ? ? 0.636 ? ? ? ? ? ? ? ? 5.154 ? ? ? ? 0.700 ? ? 1  1 0.711 ? ? ? ? ? ? ? ? ? ? 
1.030 1.060  ? 2.480  ? 1186 241 ? 225 93.400 ? ? ? ? 0.618 ? ? ? ? ? ? ? ? 5.271 ? ? ? ? 0.677 ? ? 2  1 0.696 ? ? ? ? ? ? ? ? ? ? 
1.060 1.090  ? 2.950  ? 972  174 ? 168 96.600 ? ? ? ? 0.525 ? ? ? ? ? ? ? ? 5.786 ? ? ? ? 0.574 ? ? 3  1 0.783 ? ? ? ? ? ? ? ? ? ? 
1.090 1.120  ? 3.730  ? 1253 221 ? 215 97.300 ? ? ? ? 0.417 ? ? ? ? ? ? ? ? 5.828 ? ? ? ? 0.456 ? ? 4  1 0.835 ? ? ? ? ? ? ? ? ? ? 
1.120 1.160  ? 4.180  ? 1403 232 ? 230 99.100 ? ? ? ? 0.373 ? ? ? ? ? ? ? ? 6.100 ? ? ? ? 0.405 ? ? 5  1 0.884 ? ? ? ? ? ? ? ? ? ? 
1.160 1.200  ? 4.530  ? 1321 209 ? 207 99.000 ? ? ? ? 0.363 ? ? ? ? ? ? ? ? 6.382 ? ? ? ? 0.395 ? ? 6  1 0.870 ? ? ? ? ? ? ? ? ? ? 
1.200 1.250  ? 4.710  ? 1240 188 ? 186 98.900 ? ? ? ? 0.376 ? ? ? ? ? ? ? ? 6.667 ? ? ? ? 0.406 ? ? 7  1 0.824 ? ? ? ? ? ? ? ? ? ? 
1.250 1.300  ? 4.180  ? 900  166 ? 164 98.800 ? ? ? ? 0.359 ? ? ? ? ? ? ? ? 5.488 ? ? ? ? 0.395 ? ? 8  1 0.908 ? ? ? ? ? ? ? ? ? ? 
1.300 1.350  ? 4.360  ? 1009 175 ? 173 98.900 ? ? ? ? 0.340 ? ? ? ? ? ? ? ? 5.832 ? ? ? ? 0.371 ? ? 9  1 0.941 ? ? ? ? ? ? ? ? ? ? 
1.350 1.420  ? 5.030  ? 1035 159 ? 158 99.400 ? ? ? ? 0.370 ? ? ? ? ? ? ? ? 6.551 ? ? ? ? 0.401 ? ? 10 1 0.842 ? ? ? ? ? ? ? ? ? ? 
1.420 1.500  ? 5.390  ? 1114 169 ? 168 99.400 ? ? ? ? 0.371 ? ? ? ? ? ? ? ? 6.631 ? ? ? ? 0.403 ? ? 11 1 0.885 ? ? ? ? ? ? ? ? ? ? 
1.500 1.590  ? 6.910  ? 1309 177 ? 176 99.400 ? ? ? ? 0.278 ? ? ? ? ? ? ? ? 7.438 ? ? ? ? 0.298 ? ? 12 1 0.954 ? ? ? ? ? ? ? ? ? ? 
1.590 1.700  ? 7.530  ? 835  121 ? 120 99.200 ? ? ? ? 0.231 ? ? ? ? ? ? ? ? 6.958 ? ? ? ? 0.250 ? ? 13 1 0.908 ? ? ? ? ? ? ? ? ? ? 
1.700 1.830  ? 7.040  ? 794  126 ? 124 98.400 ? ? ? ? 0.256 ? ? ? ? ? ? ? ? 6.403 ? ? ? ? 0.280 ? ? 14 1 0.941 ? ? ? ? ? ? ? ? ? ? 
1.830 2.010  ? 7.920  ? 757  121 ? 118 97.500 ? ? ? ? 0.224 ? ? ? ? ? ? ? ? 6.415 ? ? ? ? 0.245 ? ? 15 1 0.976 ? ? ? ? ? ? ? ? ? ? 
2.010 2.250  ? 8.750  ? 792  120 ? 118 98.300 ? ? ? ? 0.213 ? ? ? ? ? ? ? ? 6.712 ? ? ? ? 0.232 ? ? 16 1 0.977 ? ? ? ? ? ? ? ? ? ? 
2.250 2.590  ? 9.990  ? 763  108 ? 107 99.100 ? ? ? ? 0.211 ? ? ? ? ? ? ? ? 7.131 ? ? ? ? 0.227 ? ? 17 1 0.871 ? ? ? ? ? ? ? ? ? ? 
2.590 3.180  ? 9.040  ? 391  69  ? 66  95.700 ? ? ? ? 0.159 ? ? ? ? ? ? ? ? 5.924 ? ? ? ? 0.175 ? ? 18 1 0.990 ? ? ? ? ? ? ? ? ? ? 
3.180 4.490  ? 10.790 ? 433  66  ? 63  95.500 ? ? ? ? 0.186 ? ? ? ? ? ? ? ? 6.873 ? ? ? ? 0.201 ? ? 19 1 0.957 ? ? ? ? ? ? ? ? ? ? 
4.490 10.240 ? 10.280 ? 188  33  ? 29  87.900 ? ? ? ? 0.142 ? ? ? ? ? ? ? ? 6.483 ? ? ? ? 0.151 ? ? 20 1 0.988 ? ? ? ? ? ? ? ? ? ? 
# 
_refine.aniso_B[1][1]                            0.0100 
_refine.aniso_B[1][2]                            0.0100 
_refine.aniso_B[1][3]                            0.0000 
_refine.aniso_B[2][2]                            0.0000 
_refine.aniso_B[2][3]                            -0.0200 
_refine.aniso_B[3][3]                            -0.0100 
_refine.B_iso_max                                24.100 
_refine.B_iso_mean                               6.0860 
_refine.B_iso_min                                1.770 
_refine.correlation_coeff_Fo_to_Fc               0.9490 
_refine.correlation_coeff_Fo_to_Fc_free          0.9040 
_refine.details                                  
'HYDROGENS HAVE BEEN ADDED IN THE RIDING POSITIONS U VALUES      : REFINED INDIVIDUALLY' 
_refine.diff_density_max                         ? 
_refine.diff_density_max_esd                     ? 
_refine.diff_density_min                         ? 
_refine.diff_density_min_esd                     ? 
_refine.diff_density_rms                         ? 
_refine.diff_density_rms_esd                     ? 
_refine.entry_id                                 7RVF 
_refine.pdbx_refine_id                           'ELECTRON CRYSTALLOGRAPHY' 
_refine.ls_abs_structure_details                 ? 
_refine.ls_abs_structure_Flack                   ? 
_refine.ls_abs_structure_Flack_esd               ? 
_refine.ls_abs_structure_Rogers                  ? 
_refine.ls_abs_structure_Rogers_esd              ? 
_refine.ls_d_res_high                            1.0000 
_refine.ls_d_res_low                             10.2400 
_refine.ls_extinction_coef                       ? 
_refine.ls_extinction_coef_esd                   ? 
_refine.ls_extinction_expression                 ? 
_refine.ls_extinction_method                     ? 
_refine.ls_goodness_of_fit_all                   ? 
_refine.ls_goodness_of_fit_all_esd               ? 
_refine.ls_goodness_of_fit_obs                   ? 
_refine.ls_goodness_of_fit_obs_esd               ? 
_refine.ls_hydrogen_treatment                    ? 
_refine.ls_matrix_type                           ? 
_refine.ls_number_constraints                    ? 
_refine.ls_number_parameters                     ? 
_refine.ls_number_reflns_all                     ? 
_refine.ls_number_reflns_obs                     2644 
_refine.ls_number_reflns_R_free                  294 
_refine.ls_number_reflns_R_work                  ? 
_refine.ls_number_restraints                     ? 
_refine.ls_percent_reflns_obs                    94.7700 
_refine.ls_percent_reflns_R_free                 10.0000 
_refine.ls_R_factor_all                          ? 
_refine.ls_R_factor_obs                          0.2202 
_refine.ls_R_factor_R_free                       0.2506 
_refine.ls_R_factor_R_free_error                 ? 
_refine.ls_R_factor_R_free_error_details         ? 
_refine.ls_R_factor_R_work                       0.2167 
_refine.ls_R_Fsqd_factor_obs                     ? 
_refine.ls_R_I_factor_obs                        ? 
_refine.ls_redundancy_reflns_all                 ? 
_refine.ls_redundancy_reflns_obs                 ? 
_refine.ls_restrained_S_all                      ? 
_refine.ls_restrained_S_obs                      ? 
_refine.ls_shift_over_esd_max                    ? 
_refine.ls_shift_over_esd_mean                   ? 
_refine.ls_structure_factor_coef                 ? 
_refine.ls_weighting_details                     ? 
_refine.ls_weighting_scheme                      ? 
_refine.ls_wR_factor_all                         ? 
_refine.ls_wR_factor_obs                         ? 
_refine.ls_wR_factor_R_free                      ? 
_refine.ls_wR_factor_R_work                      ? 
_refine.occupancy_max                            ? 
_refine.occupancy_min                            ? 
_refine.solvent_model_details                    MASK 
_refine.solvent_model_param_bsol                 ? 
_refine.solvent_model_param_ksol                 ? 
_refine.pdbx_R_complete                          ? 
_refine.ls_R_factor_gt                           ? 
_refine.ls_goodness_of_fit_gt                    ? 
_refine.ls_goodness_of_fit_ref                   ? 
_refine.ls_shift_over_su_max                     ? 
_refine.ls_shift_over_su_max_lt                  ? 
_refine.ls_shift_over_su_mean                    ? 
_refine.ls_shift_over_su_mean_lt                 ? 
_refine.pdbx_ls_sigma_I                          ? 
_refine.pdbx_ls_sigma_F                          0.000 
_refine.pdbx_ls_sigma_Fsqd                       ? 
_refine.pdbx_data_cutoff_high_absF               ? 
_refine.pdbx_data_cutoff_high_rms_absF           ? 
_refine.pdbx_data_cutoff_low_absF                ? 
_refine.pdbx_isotropic_thermal_model             ? 
_refine.pdbx_ls_cross_valid_method               THROUGHOUT 
_refine.pdbx_method_to_determine_struct          'AB INITIO PHASING' 
_refine.pdbx_starting_model                      ? 
_refine.pdbx_stereochemistry_target_values       'MAXIMUM LIKELIHOOD' 
_refine.pdbx_R_Free_selection_details            RANDOM 
_refine.pdbx_stereochem_target_val_spec_case     ? 
_refine.pdbx_overall_ESU_R                       0.0430 
_refine.pdbx_overall_ESU_R_Free                  0.0460 
_refine.pdbx_solvent_vdw_probe_radii             1.2000 
_refine.pdbx_solvent_ion_probe_radii             0.8000 
_refine.pdbx_solvent_shrinkage_radii             0.8000 
_refine.pdbx_real_space_R                        ? 
_refine.pdbx_density_correlation                 ? 
_refine.pdbx_pd_number_of_powder_patterns        ? 
_refine.pdbx_pd_number_of_points                 ? 
_refine.pdbx_pd_meas_number_of_points            ? 
_refine.pdbx_pd_proc_ls_prof_R_factor            ? 
_refine.pdbx_pd_proc_ls_prof_wR_factor           ? 
_refine.pdbx_pd_Marquardt_correlation_coeff      ? 
_refine.pdbx_pd_Fsqrd_R_factor                   ? 
_refine.pdbx_pd_ls_matrix_band_width             ? 
_refine.pdbx_overall_phase_error                 ? 
_refine.pdbx_overall_SU_R_free_Cruickshank_DPI   ? 
_refine.pdbx_overall_SU_R_free_Blow_DPI          ? 
_refine.pdbx_overall_SU_R_Blow_DPI               ? 
_refine.pdbx_TLS_residual_ADP_flag               ? 
_refine.pdbx_diffrn_id                           1 
_refine.overall_SU_B                             0.7540 
_refine.overall_SU_ML                            0.0400 
_refine.overall_SU_R_Cruickshank_DPI             ? 
_refine.overall_SU_R_free                        ? 
_refine.overall_FOM_free_R_set                   ? 
_refine.overall_FOM_work_R_set                   ? 
_refine.pdbx_average_fsc_overall                 ? 
_refine.pdbx_average_fsc_work                    ? 
_refine.pdbx_average_fsc_free                    ? 
# 
_refine_hist.pdbx_refine_id                   'ELECTRON CRYSTALLOGRAPHY' 
_refine_hist.cycle_id                         final 
_refine_hist.details                          ? 
_refine_hist.d_res_high                       1.0000 
_refine_hist.d_res_low                        10.2400 
_refine_hist.number_atoms_solvent             2 
_refine_hist.number_atoms_total               81 
_refine_hist.number_reflns_all                ? 
_refine_hist.number_reflns_obs                ? 
_refine_hist.number_reflns_R_free             ? 
_refine_hist.number_reflns_R_work             ? 
_refine_hist.R_factor_all                     ? 
_refine_hist.R_factor_obs                     ? 
_refine_hist.R_factor_R_free                  ? 
_refine_hist.R_factor_R_work                  ? 
_refine_hist.pdbx_number_residues_total       9 
_refine_hist.pdbx_B_iso_mean_ligand           ? 
_refine_hist.pdbx_B_iso_mean_solvent          21.24 
_refine_hist.pdbx_number_atoms_protein        79 
_refine_hist.pdbx_number_atoms_nucleic_acid   0 
_refine_hist.pdbx_number_atoms_ligand         0 
_refine_hist.pdbx_number_atoms_lipid          ? 
_refine_hist.pdbx_number_atoms_carb           ? 
_refine_hist.pdbx_pseudo_atom_details         ? 
# 
loop_
_refine_ls_restr.pdbx_refine_id 
_refine_ls_restr.criterion 
_refine_ls_restr.dev_ideal 
_refine_ls_restr.dev_ideal_target 
_refine_ls_restr.number 
_refine_ls_restr.rejects 
_refine_ls_restr.type 
_refine_ls_restr.weight 
_refine_ls_restr.pdbx_restraint_function 
'ELECTRON CRYSTALLOGRAPHY' ? 0.008  0.012  80  ? r_bond_refined_d       ? ? 
'ELECTRON CRYSTALLOGRAPHY' ? 0.001  0.018  69  ? r_bond_other_d         ? ? 
'ELECTRON CRYSTALLOGRAPHY' ? 1.662  1.638  107 ? r_angle_refined_deg    ? ? 
'ELECTRON CRYSTALLOGRAPHY' ? 1.318  1.640  152 ? r_angle_other_deg      ? ? 
'ELECTRON CRYSTALLOGRAPHY' ? 4.788  5.000  8   ? r_dihedral_angle_1_deg ? ? 
'ELECTRON CRYSTALLOGRAPHY' ? 49.699 27.500 8   ? r_dihedral_angle_2_deg ? ? 
'ELECTRON CRYSTALLOGRAPHY' ? 11.357 15.000 11  ? r_dihedral_angle_3_deg ? ? 
'ELECTRON CRYSTALLOGRAPHY' ? 0.062  0.200  9   ? r_chiral_restr         ? ? 
'ELECTRON CRYSTALLOGRAPHY' ? 0.009  0.020  106 ? r_gen_planes_refined   ? ? 
'ELECTRON CRYSTALLOGRAPHY' ? 0.000  0.020  30  ? r_gen_planes_other     ? ? 
# 
_refine_ls_shell.pdbx_refine_id                   'ELECTRON CRYSTALLOGRAPHY' 
_refine_ls_shell.d_res_high                       1.0040 
_refine_ls_shell.d_res_low                        1.0300 
_refine_ls_shell.number_reflns_all                121 
_refine_ls_shell.number_reflns_obs                ? 
_refine_ls_shell.number_reflns_R_free             12 
_refine_ls_shell.number_reflns_R_work             109 
_refine_ls_shell.percent_reflns_obs               54.2600 
_refine_ls_shell.percent_reflns_R_free            ? 
_refine_ls_shell.R_factor_all                     ? 
_refine_ls_shell.R_factor_obs                     ? 
_refine_ls_shell.R_factor_R_free                  0.2520 
_refine_ls_shell.R_factor_R_free_error            0.0000 
_refine_ls_shell.R_factor_R_work                  0.3360 
_refine_ls_shell.redundancy_reflns_all            ? 
_refine_ls_shell.redundancy_reflns_obs            ? 
_refine_ls_shell.wR_factor_all                    ? 
_refine_ls_shell.wR_factor_obs                    ? 
_refine_ls_shell.wR_factor_R_free                 ? 
_refine_ls_shell.wR_factor_R_work                 ? 
_refine_ls_shell.pdbx_R_complete                  ? 
_refine_ls_shell.pdbx_total_number_of_bins_used   20 
_refine_ls_shell.pdbx_phase_error                 ? 
_refine_ls_shell.pdbx_fsc_work                    ? 
_refine_ls_shell.pdbx_fsc_free                    ? 
# 
_struct.entry_id                     7RVF 
_struct.title                        'Segment from the Y169F mutant of the bank vole prion protein 168-176 QFNNQNNFV' 
_struct.pdbx_model_details           ? 
_struct.pdbx_formula_weight          ? 
_struct.pdbx_formula_weight_method   ? 
_struct.pdbx_model_type_details      ? 
_struct.pdbx_CASP_flag               N 
# 
_struct_keywords.entry_id        7RVF 
_struct_keywords.text            'amyloid, prion, fibril, human prion, PROTEIN FIBRIL' 
_struct_keywords.pdbx_keywords   'PROTEIN FIBRIL' 
# 
loop_
_struct_asym.id 
_struct_asym.pdbx_blank_PDB_chainid_flag 
_struct_asym.pdbx_modified 
_struct_asym.entity_id 
_struct_asym.details 
A N N 1 ? 
B N N 2 ? 
# 
_struct_ref.id                         1 
_struct_ref.db_name                    UNP 
_struct_ref.db_code                    Q8VHV5_MYOGA 
_struct_ref.pdbx_db_accession          Q8VHV5 
_struct_ref.pdbx_db_isoform            ? 
_struct_ref.entity_id                  1 
_struct_ref.pdbx_seq_one_letter_code   QYNNQNNFV 
_struct_ref.pdbx_align_begin           168 
# 
_struct_ref_seq.align_id                      1 
_struct_ref_seq.ref_id                        1 
_struct_ref_seq.pdbx_PDB_id_code              7RVF 
_struct_ref_seq.pdbx_strand_id                A 
_struct_ref_seq.seq_align_beg                 1 
_struct_ref_seq.pdbx_seq_align_beg_ins_code   ? 
_struct_ref_seq.seq_align_end                 9 
_struct_ref_seq.pdbx_seq_align_end_ins_code   ? 
_struct_ref_seq.pdbx_db_accession             Q8VHV5 
_struct_ref_seq.db_align_beg                  168 
_struct_ref_seq.pdbx_db_align_beg_ins_code    ? 
_struct_ref_seq.db_align_end                  176 
_struct_ref_seq.pdbx_db_align_end_ins_code    ? 
_struct_ref_seq.pdbx_auth_seq_align_beg       168 
_struct_ref_seq.pdbx_auth_seq_align_end       176 
# 
_struct_ref_seq_dif.align_id                     1 
_struct_ref_seq_dif.pdbx_pdb_id_code             7RVF 
_struct_ref_seq_dif.mon_id                       PHE 
_struct_ref_seq_dif.pdbx_pdb_strand_id           A 
_struct_ref_seq_dif.seq_num                      2 
_struct_ref_seq_dif.pdbx_pdb_ins_code            ? 
_struct_ref_seq_dif.pdbx_seq_db_name             UNP 
_struct_ref_seq_dif.pdbx_seq_db_accession_code   Q8VHV5 
_struct_ref_seq_dif.db_mon_id                    TYR 
_struct_ref_seq_dif.pdbx_seq_db_seq_num          169 
_struct_ref_seq_dif.details                      'engineered mutation' 
_struct_ref_seq_dif.pdbx_auth_seq_num            169 
_struct_ref_seq_dif.pdbx_ordinal                 1 
# 
_pdbx_struct_assembly.id                   1 
_pdbx_struct_assembly.details              author_defined_assembly 
_pdbx_struct_assembly.method_details       ? 
_pdbx_struct_assembly.oligomeric_details   monomeric 
_pdbx_struct_assembly.oligomeric_count     1 
# 
loop_
_pdbx_struct_assembly_prop.biol_id 
_pdbx_struct_assembly_prop.type 
_pdbx_struct_assembly_prop.value 
_pdbx_struct_assembly_prop.details 
1 'ABSA (A^2)' 0    ? 
1 MORE         0    ? 
1 'SSA (A^2)'  1360 ? 
# 
_pdbx_struct_assembly_gen.assembly_id       1 
_pdbx_struct_assembly_gen.oper_expression   1 
_pdbx_struct_assembly_gen.asym_id_list      A,B 
# 
_pdbx_struct_assembly_auth_evidence.id                     1 
_pdbx_struct_assembly_auth_evidence.assembly_id            1 
_pdbx_struct_assembly_auth_evidence.experimental_support   'electron microscopy' 
_pdbx_struct_assembly_auth_evidence.details                ? 
# 
_pdbx_struct_oper_list.id                   1 
_pdbx_struct_oper_list.type                 'identity operation' 
_pdbx_struct_oper_list.name                 1_555 
_pdbx_struct_oper_list.symmetry_operation   x,y,z 
_pdbx_struct_oper_list.matrix[1][1]         1.0000000000 
_pdbx_struct_oper_list.matrix[1][2]         0.0000000000 
_pdbx_struct_oper_list.matrix[1][3]         0.0000000000 
_pdbx_struct_oper_list.vector[1]            0.0000000000 
_pdbx_struct_oper_list.matrix[2][1]         0.0000000000 
_pdbx_struct_oper_list.matrix[2][2]         1.0000000000 
_pdbx_struct_oper_list.matrix[2][3]         0.0000000000 
_pdbx_struct_oper_list.vector[2]            0.0000000000 
_pdbx_struct_oper_list.matrix[3][1]         0.0000000000 
_pdbx_struct_oper_list.matrix[3][2]         0.0000000000 
_pdbx_struct_oper_list.matrix[3][3]         1.0000000000 
_pdbx_struct_oper_list.vector[3]            0.0000000000 
# 
_em_3d_reconstruction.entry_id                    7RVF 
_em_3d_reconstruction.id                          1 
_em_3d_reconstruction.algorithm                   ? 
_em_3d_reconstruction.details                     ? 
_em_3d_reconstruction.refinement_type             ? 
_em_3d_reconstruction.image_processing_id         1 
_em_3d_reconstruction.num_class_averages          ? 
_em_3d_reconstruction.num_particles               ? 
_em_3d_reconstruction.resolution                  1.00 
_em_3d_reconstruction.resolution_method           'DIFFRACTION PATTERN/LAYERLINES' 
_em_3d_reconstruction.symmetry_type               '3D CRYSTAL' 
_em_3d_reconstruction.method                      ? 
_em_3d_reconstruction.nominal_pixel_size          ? 
_em_3d_reconstruction.actual_pixel_size           ? 
_em_3d_reconstruction.magnification_calibration   ? 
# 
_em_entity_assembly.details              ? 
_em_entity_assembly.entity_id_list       1 
_em_entity_assembly.id                   1 
_em_entity_assembly.name                 'Major prion protein' 
_em_entity_assembly.oligomeric_details   ? 
_em_entity_assembly.parent_id            0 
_em_entity_assembly.source               NATURAL 
_em_entity_assembly.synonym              ? 
_em_entity_assembly.type                 COMPLEX 
# 
_em_imaging.id                              1 
_em_imaging.entry_id                        7RVF 
_em_imaging.accelerating_voltage            300 
_em_imaging.alignment_procedure             . 
_em_imaging.c2_aperture_diameter            . 
_em_imaging.calibrated_defocus_max          ? 
_em_imaging.calibrated_defocus_min          ? 
_em_imaging.calibrated_magnification        ? 
_em_imaging.cryogen                         NITROGEN 
_em_imaging.details                         ? 
_em_imaging.electron_source                 'FIELD EMISSION GUN' 
_em_imaging.illumination_mode               'FLOOD BEAM' 
_em_imaging.microscope_model                'FEI TECNAI F30' 
_em_imaging.mode                            DIFFRACTION 
_em_imaging.nominal_cs                      ? 
_em_imaging.nominal_defocus_max             ? 
_em_imaging.nominal_defocus_min             ? 
_em_imaging.nominal_magnification           ? 
_em_imaging.recording_temperature_maximum   ? 
_em_imaging.recording_temperature_minimum   ? 
_em_imaging.residual_tilt                   ? 
_em_imaging.specimen_holder_model           . 
_em_imaging.specimen_id                     1 
_em_imaging.citation_id                     ? 
_em_imaging.date                            ? 
_em_imaging.temperature                     ? 
_em_imaging.tilt_angle_min                  ? 
_em_imaging.tilt_angle_max                  ? 
_em_imaging.astigmatism                     ? 
_em_imaging.detector_distance               ? 
_em_imaging.electron_beam_tilt_params       ? 
_em_imaging.specimen_holder_type            ? 
# 
_em_experiment.entry_id                7RVF 
_em_experiment.id                      1 
_em_experiment.aggregation_state       '3D ARRAY' 
_em_experiment.reconstruction_method   CRYSTALLOGRAPHY 
_em_experiment.entity_assembly_id      1 
# 
loop_
_chem_comp_atom.comp_id 
_chem_comp_atom.atom_id 
_chem_comp_atom.type_symbol 
_chem_comp_atom.pdbx_aromatic_flag 
_chem_comp_atom.pdbx_stereo_config 
_chem_comp_atom.pdbx_ordinal 
ASN N    N N N 1   
ASN CA   C N S 2   
ASN C    C N N 3   
ASN O    O N N 4   
ASN CB   C N N 5   
ASN CG   C N N 6   
ASN OD1  O N N 7   
ASN ND2  N N N 8   
ASN OXT  O N N 9   
ASN H    H N N 10  
ASN H2   H N N 11  
ASN HA   H N N 12  
ASN HB2  H N N 13  
ASN HB3  H N N 14  
ASN HD21 H N N 15  
ASN HD22 H N N 16  
ASN HXT  H N N 17  
GLN N    N N N 18  
GLN CA   C N S 19  
GLN C    C N N 20  
GLN O    O N N 21  
GLN CB   C N N 22  
GLN CG   C N N 23  
GLN CD   C N N 24  
GLN OE1  O N N 25  
GLN NE2  N N N 26  
GLN OXT  O N N 27  
GLN H    H N N 28  
GLN H2   H N N 29  
GLN HA   H N N 30  
GLN HB2  H N N 31  
GLN HB3  H N N 32  
GLN HG2  H N N 33  
GLN HG3  H N N 34  
GLN HE21 H N N 35  
GLN HE22 H N N 36  
GLN HXT  H N N 37  
HOH O    O N N 38  
HOH H1   H N N 39  
HOH H2   H N N 40  
PHE N    N N N 41  
PHE CA   C N S 42  
PHE C    C N N 43  
PHE O    O N N 44  
PHE CB   C N N 45  
PHE CG   C Y N 46  
PHE CD1  C Y N 47  
PHE CD2  C Y N 48  
PHE CE1  C Y N 49  
PHE CE2  C Y N 50  
PHE CZ   C Y N 51  
PHE OXT  O N N 52  
PHE H    H N N 53  
PHE H2   H N N 54  
PHE HA   H N N 55  
PHE HB2  H N N 56  
PHE HB3  H N N 57  
PHE HD1  H N N 58  
PHE HD2  H N N 59  
PHE HE1  H N N 60  
PHE HE2  H N N 61  
PHE HZ   H N N 62  
PHE HXT  H N N 63  
TYR N    N N N 64  
TYR CA   C N S 65  
TYR C    C N N 66  
TYR O    O N N 67  
TYR CB   C N N 68  
TYR CG   C Y N 69  
TYR CD1  C Y N 70  
TYR CD2  C Y N 71  
TYR CE1  C Y N 72  
TYR CE2  C Y N 73  
TYR CZ   C Y N 74  
TYR OH   O N N 75  
TYR OXT  O N N 76  
TYR H    H N N 77  
TYR H2   H N N 78  
TYR HA   H N N 79  
TYR HB2  H N N 80  
TYR HB3  H N N 81  
TYR HD1  H N N 82  
TYR HD2  H N N 83  
TYR HE1  H N N 84  
TYR HE2  H N N 85  
TYR HH   H N N 86  
TYR HXT  H N N 87  
VAL N    N N N 88  
VAL CA   C N S 89  
VAL C    C N N 90  
VAL O    O N N 91  
VAL CB   C N N 92  
VAL CG1  C N N 93  
VAL CG2  C N N 94  
VAL OXT  O N N 95  
VAL H    H N N 96  
VAL H2   H N N 97  
VAL HA   H N N 98  
VAL HB   H N N 99  
VAL HG11 H N N 100 
VAL HG12 H N N 101 
VAL HG13 H N N 102 
VAL HG21 H N N 103 
VAL HG22 H N N 104 
VAL HG23 H N N 105 
VAL HXT  H N N 106 
# 
loop_
_chem_comp_bond.comp_id 
_chem_comp_bond.atom_id_1 
_chem_comp_bond.atom_id_2 
_chem_comp_bond.value_order 
_chem_comp_bond.pdbx_aromatic_flag 
_chem_comp_bond.pdbx_stereo_config 
_chem_comp_bond.pdbx_ordinal 
ASN N   CA   sing N N 1   
ASN N   H    sing N N 2   
ASN N   H2   sing N N 3   
ASN CA  C    sing N N 4   
ASN CA  CB   sing N N 5   
ASN CA  HA   sing N N 6   
ASN C   O    doub N N 7   
ASN C   OXT  sing N N 8   
ASN CB  CG   sing N N 9   
ASN CB  HB2  sing N N 10  
ASN CB  HB3  sing N N 11  
ASN CG  OD1  doub N N 12  
ASN CG  ND2  sing N N 13  
ASN ND2 HD21 sing N N 14  
ASN ND2 HD22 sing N N 15  
ASN OXT HXT  sing N N 16  
GLN N   CA   sing N N 17  
GLN N   H    sing N N 18  
GLN N   H2   sing N N 19  
GLN CA  C    sing N N 20  
GLN CA  CB   sing N N 21  
GLN CA  HA   sing N N 22  
GLN C   O    doub N N 23  
GLN C   OXT  sing N N 24  
GLN CB  CG   sing N N 25  
GLN CB  HB2  sing N N 26  
GLN CB  HB3  sing N N 27  
GLN CG  CD   sing N N 28  
GLN CG  HG2  sing N N 29  
GLN CG  HG3  sing N N 30  
GLN CD  OE1  doub N N 31  
GLN CD  NE2  sing N N 32  
GLN NE2 HE21 sing N N 33  
GLN NE2 HE22 sing N N 34  
GLN OXT HXT  sing N N 35  
HOH O   H1   sing N N 36  
HOH O   H2   sing N N 37  
PHE N   CA   sing N N 38  
PHE N   H    sing N N 39  
PHE N   H2   sing N N 40  
PHE CA  C    sing N N 41  
PHE CA  CB   sing N N 42  
PHE CA  HA   sing N N 43  
PHE C   O    doub N N 44  
PHE C   OXT  sing N N 45  
PHE CB  CG   sing N N 46  
PHE CB  HB2  sing N N 47  
PHE CB  HB3  sing N N 48  
PHE CG  CD1  doub Y N 49  
PHE CG  CD2  sing Y N 50  
PHE CD1 CE1  sing Y N 51  
PHE CD1 HD1  sing N N 52  
PHE CD2 CE2  doub Y N 53  
PHE CD2 HD2  sing N N 54  
PHE CE1 CZ   doub Y N 55  
PHE CE1 HE1  sing N N 56  
PHE CE2 CZ   sing Y N 57  
PHE CE2 HE2  sing N N 58  
PHE CZ  HZ   sing N N 59  
PHE OXT HXT  sing N N 60  
TYR N   CA   sing N N 61  
TYR N   H    sing N N 62  
TYR N   H2   sing N N 63  
TYR CA  C    sing N N 64  
TYR CA  CB   sing N N 65  
TYR CA  HA   sing N N 66  
TYR C   O    doub N N 67  
TYR C   OXT  sing N N 68  
TYR CB  CG   sing N N 69  
TYR CB  HB2  sing N N 70  
TYR CB  HB3  sing N N 71  
TYR CG  CD1  doub Y N 72  
TYR CG  CD2  sing Y N 73  
TYR CD1 CE1  sing Y N 74  
TYR CD1 HD1  sing N N 75  
TYR CD2 CE2  doub Y N 76  
TYR CD2 HD2  sing N N 77  
TYR CE1 CZ   doub Y N 78  
TYR CE1 HE1  sing N N 79  
TYR CE2 CZ   sing Y N 80  
TYR CE2 HE2  sing N N 81  
TYR CZ  OH   sing N N 82  
TYR OH  HH   sing N N 83  
TYR OXT HXT  sing N N 84  
VAL N   CA   sing N N 85  
VAL N   H    sing N N 86  
VAL N   H2   sing N N 87  
VAL CA  C    sing N N 88  
VAL CA  CB   sing N N 89  
VAL CA  HA   sing N N 90  
VAL C   O    doub N N 91  
VAL C   OXT  sing N N 92  
VAL CB  CG1  sing N N 93  
VAL CB  CG2  sing N N 94  
VAL CB  HB   sing N N 95  
VAL CG1 HG11 sing N N 96  
VAL CG1 HG12 sing N N 97  
VAL CG1 HG13 sing N N 98  
VAL CG2 HG21 sing N N 99  
VAL CG2 HG22 sing N N 100 
VAL CG2 HG23 sing N N 101 
VAL OXT HXT  sing N N 102 
# 
_em_3d_crystal_entity.id                    1 
_em_3d_crystal_entity.image_processing_id   1 
_em_3d_crystal_entity.angle_alpha           93.890 
_em_3d_crystal_entity.angle_beta            92.380 
_em_3d_crystal_entity.angle_gamma           103.290 
_em_3d_crystal_entity.length_a              4.880 
_em_3d_crystal_entity.length_b              10.560 
_em_3d_crystal_entity.length_c              29.980 
_em_3d_crystal_entity.space_group_name      'P 1' 
_em_3d_crystal_entity.space_group_num       1 
# 
_em_diffraction.id                1 
_em_diffraction.camera_length     1 
_em_diffraction.imaging_id        1 
_em_diffraction.tilt_angle_list   ? 
# 
_em_entity_assembly_naturalsource.cell                 ? 
_em_entity_assembly_naturalsource.cellular_location    ? 
_em_entity_assembly_naturalsource.entity_assembly_id   1 
_em_entity_assembly_naturalsource.id                   1 
_em_entity_assembly_naturalsource.ncbi_tax_id          447135 
_em_entity_assembly_naturalsource.organ                ? 
_em_entity_assembly_naturalsource.organelle            ? 
_em_entity_assembly_naturalsource.organism             'Myodes glareolus' 
_em_entity_assembly_naturalsource.strain               ? 
_em_entity_assembly_naturalsource.tissue               ? 
# 
_em_image_processing.id                   1 
_em_image_processing.image_recording_id   1 
_em_image_processing.details              ? 
# 
_em_image_recording.id                            1 
_em_image_recording.imaging_id                    1 
_em_image_recording.avg_electron_dose_per_image   . 
_em_image_recording.average_exposure_time         . 
_em_image_recording.details                       ? 
_em_image_recording.detector_mode                 ? 
_em_image_recording.film_or_detector_model        'TVIPS TEMCAM-F416 (4k x 4k)' 
_em_image_recording.num_diffraction_images        . 
_em_image_recording.num_grids_imaged              1 
_em_image_recording.num_real_images               1 
# 
_em_specimen.id                      1 
_em_specimen.experiment_id           1 
_em_specimen.concentration           ? 
_em_specimen.details                 ? 
_em_specimen.embedding_applied       NO 
_em_specimen.shadowing_applied       NO 
_em_specimen.staining_applied        NO 
_em_specimen.vitrification_applied   NO 
# 
loop_
_pdbx_audit_support.funding_organization 
_pdbx_audit_support.country 
_pdbx_audit_support.grant_number 
_pdbx_audit_support.ordinal 
'National Institutes of Health/National Institute of General Medical Sciences (NIH/NIGMS)'        'United States' R35GM128867  1 
'National Institutes of Health/National Institute Of Allergy and Infectious Diseases (NIH/NIAID)' 'United States' 1F31AI143368 2 
# 
_atom_sites.entry_id                    7RVF 
_atom_sites.Cartn_transf_matrix[1][1]   ? 
_atom_sites.Cartn_transf_matrix[1][2]   ? 
_atom_sites.Cartn_transf_matrix[1][3]   ? 
_atom_sites.Cartn_transf_matrix[2][1]   ? 
_atom_sites.Cartn_transf_matrix[2][2]   ? 
_atom_sites.Cartn_transf_matrix[2][3]   ? 
_atom_sites.Cartn_transf_matrix[3][1]   ? 
_atom_sites.Cartn_transf_matrix[3][2]   ? 
_atom_sites.Cartn_transf_matrix[3][3]   ? 
_atom_sites.Cartn_transf_vector[1]      ? 
_atom_sites.Cartn_transf_vector[2]      ? 
_atom_sites.Cartn_transf_vector[3]      ? 
_atom_sites.fract_transf_matrix[1][1]   0.10896130 
_atom_sites.fract_transf_matrix[1][2]   -0.09924324 
_atom_sites.fract_transf_matrix[1][3]   0.15088015 
_atom_sites.fract_transf_matrix[2][1]   0.04866015 
_atom_sites.fract_transf_matrix[2][2]   0.07217171 
_atom_sites.fract_transf_matrix[2][3]   0.04417202 
_atom_sites.fract_transf_matrix[3][1]   -0.02354847 
_atom_sites.fract_transf_matrix[3][2]   0.00526425 
_atom_sites.fract_transf_matrix[3][3]   0.02322508 
_atom_sites.fract_transf_vector[1]      0.882667 
_atom_sites.fract_transf_vector[2]      0.681387 
_atom_sites.fract_transf_vector[3]      0.456769 
_atom_sites.solution_primary            ? 
_atom_sites.solution_secondary          ? 
_atom_sites.solution_hydrogens          ? 
_atom_sites.special_details             ? 
# 
loop_
_atom_type.symbol 
C 
H 
N 
O 
# 
loop_
_atom_site.group_PDB 
_atom_site.id 
_atom_site.type_symbol 
_atom_site.label_atom_id 
_atom_site.label_alt_id 
_atom_site.label_comp_id 
_atom_site.label_asym_id 
_atom_site.label_entity_id 
_atom_site.label_seq_id 
_atom_site.pdbx_PDB_ins_code 
_atom_site.Cartn_x 
_atom_site.Cartn_y 
_atom_site.Cartn_z 
_atom_site.occupancy 
_atom_site.B_iso_or_equiv 
_atom_site.pdbx_formal_charge 
_atom_site.auth_seq_id 
_atom_site.auth_comp_id 
_atom_site.auth_asym_id 
_atom_site.auth_atom_id 
_atom_site.pdbx_PDB_model_num 
ATOM   1   N N    . GLN A 1 1 ? 6.825  -5.944 -11.287 1.00 12.31 ? 168 GLN A N    1 
ATOM   2   C CA   . GLN A 1 1 ? 6.965  -5.331 -9.953  1.00 9.40  ? 168 GLN A CA   1 
ATOM   3   C C    . GLN A 1 1 ? 5.612  -4.820 -9.454  1.00 7.13  ? 168 GLN A C    1 
ATOM   4   O O    . GLN A 1 1 ? 5.043  -3.889 -10.053 1.00 11.41 ? 168 GLN A O    1 
ATOM   5   C CB   . GLN A 1 1 ? 7.976  -4.191 -10.018 1.00 10.04 ? 168 GLN A CB   1 
ATOM   6   C CG   . GLN A 1 1 ? 8.561  -3.780 -8.670  1.00 10.84 ? 168 GLN A CG   1 
ATOM   7   C CD   . GLN A 1 1 ? 9.358  -2.496 -8.736  1.00 10.38 ? 168 GLN A CD   1 
ATOM   8   O OE1  . GLN A 1 1 ? 8.907  -1.502 -9.288  1.00 16.70 ? 168 GLN A OE1  1 
ATOM   9   N NE2  . GLN A 1 1 ? 10.564 -2.501 -8.186  1.00 14.72 ? 168 GLN A NE2  1 
ATOM   10  H H1   . GLN A 1 1 ? 7.637  -6.232 -11.582 1.00 11.31 ? 168 GLN A H1   1 
ATOM   11  H H2   . GLN A 1 1 ? 6.473  -5.296 -11.901 1.00 11.31 ? 168 GLN A H2   1 
ATOM   12  H H3   . GLN A 1 1 ? 6.224  -6.690 -11.233 1.00 11.32 ? 168 GLN A H3   1 
ATOM   13  H HA   . GLN A 1 1 ? 7.297  -6.016 -9.333  1.00 9.49  ? 168 GLN A HA   1 
ATOM   14  H HB2  . GLN A 1 1 ? 8.709  -4.462 -10.609 1.00 10.07 ? 168 GLN A HB2  1 
ATOM   15  H HB3  . GLN A 1 1 ? 7.540  -3.414 -10.425 1.00 10.07 ? 168 GLN A HB3  1 
ATOM   16  H HG2  . GLN A 1 1 ? 7.831  -3.667 -8.024  1.00 10.53 ? 168 GLN A HG2  1 
ATOM   17  H HG3  . GLN A 1 1 ? 9.142  -4.499 -8.340  1.00 10.55 ? 168 GLN A HG3  1 
ATOM   18  H HE21 . GLN A 1 1 ? 11.239 -2.106 -8.598  1.00 13.22 ? 168 GLN A HE21 1 
ATOM   19  H HE22 . GLN A 1 1 ? 10.693 -2.898 -7.407  1.00 13.22 ? 168 GLN A HE22 1 
ATOM   20  N N    . PHE A 1 2 ? 5.142  -5.370 -8.348  1.00 6.32  ? 169 PHE A N    1 
ATOM   21  C CA   . PHE A 1 2 ? 3.868  -5.000 -7.687  1.00 4.99  ? 169 PHE A CA   1 
ATOM   22  C C    . PHE A 1 2 ? 4.253  -4.163 -6.444  1.00 4.54  ? 169 PHE A C    1 
ATOM   23  O O    . PHE A 1 2 ? 4.917  -4.733 -5.562  1.00 8.11  ? 169 PHE A O    1 
ATOM   24  C CB   . PHE A 1 2 ? 3.112  -6.308 -7.409  1.00 4.75  ? 169 PHE A CB   1 
ATOM   25  C CG   . PHE A 1 2 ? 1.740  -6.210 -6.782  1.00 5.20  ? 169 PHE A CG   1 
ATOM   26  C CD1  . PHE A 1 2 ? 0.611  -6.262 -7.590  1.00 5.53  ? 169 PHE A CD1  1 
ATOM   27  C CD2  . PHE A 1 2 ? 1.555  -6.168 -5.416  1.00 5.55  ? 169 PHE A CD2  1 
ATOM   28  C CE1  . PHE A 1 2 ? -0.669 -6.237 -7.035  1.00 5.96  ? 169 PHE A CE1  1 
ATOM   29  C CE2  . PHE A 1 2 ? 0.282  -6.120 -4.861  1.00 6.03  ? 169 PHE A CE2  1 
ATOM   30  C CZ   . PHE A 1 2 ? -0.834 -6.175 -5.675  1.00 6.27  ? 169 PHE A CZ   1 
ATOM   31  H H    . PHE A 1 2 ? 5.581  -6.031 -7.900  1.00 6.16  ? 169 PHE A H    1 
ATOM   32  H HA   . PHE A 1 2 ? 3.331  -4.438 -8.301  1.00 5.09  ? 169 PHE A HA   1 
ATOM   33  H HB2  . PHE A 1 2 ? 3.025  -6.788 -8.259  1.00 4.91  ? 169 PHE A HB2  1 
ATOM   34  H HB3  . PHE A 1 2 ? 3.673  -6.859 -6.825  1.00 4.91  ? 169 PHE A HB3  1 
ATOM   35  H HD1  . PHE A 1 2 ? 0.713  -6.321 -8.526  1.00 5.56  ? 169 PHE A HD1  1 
ATOM   36  H HD2  . PHE A 1 2 ? 2.310  -6.145 -4.849  1.00 5.59  ? 169 PHE A HD2  1 
ATOM   37  H HE1  . PHE A 1 2 ? -1.425 -6.253 -7.600  1.00 5.90  ? 169 PHE A HE1  1 
ATOM   38  H HE2  . PHE A 1 2 ? 0.180  -6.076 -3.924  1.00 5.94  ? 169 PHE A HE2  1 
ATOM   39  H HZ   . PHE A 1 2 ? -1.699 -6.131 -5.300  1.00 6.08  ? 169 PHE A HZ   1 
ATOM   40  N N    . ASN A 1 3 ? 3.895  -2.869 -6.400  1.00 5.16  ? 170 ASN A N    1 
ATOM   41  C CA   . ASN A 1 3 ? 4.222  -1.922 -5.294  1.00 4.30  ? 170 ASN A CA   1 
ATOM   42  C C    . ASN A 1 3 ? 2.910  -1.488 -4.673  1.00 3.24  ? 170 ASN A C    1 
ATOM   43  O O    . ASN A 1 3 ? 2.127  -0.805 -5.368  1.00 6.94  ? 170 ASN A O    1 
ATOM   44  C CB   . ASN A 1 3 ? 4.984  -0.697 -5.788  1.00 4.55  ? 170 ASN A CB   1 
ATOM   45  C CG   . ASN A 1 3 ? 6.317  -1.064 -6.389  1.00 5.07  ? 170 ASN A CG   1 
ATOM   46  O OD1  . ASN A 1 3 ? 7.125  -1.759 -5.766  1.00 10.02 ? 170 ASN A OD1  1 
ATOM   47  N ND2  . ASN A 1 3 ? 6.497  -0.743 -7.651  1.00 9.18  ? 170 ASN A ND2  1 
ATOM   48  H H    . ASN A 1 3 ? 3.413  -2.480 -7.068  1.00 4.79  ? 170 ASN A H    1 
ATOM   49  H HA   . ASN A 1 3 ? 4.771  -2.385 -4.619  1.00 4.27  ? 170 ASN A HA   1 
ATOM   50  H HB2  . ASN A 1 3 ? 4.444  -0.232 -6.460  1.00 4.62  ? 170 ASN A HB2  1 
ATOM   51  H HB3  . ASN A 1 3 ? 5.127  -0.086 -5.035  1.00 4.60  ? 170 ASN A HB3  1 
ATOM   52  H HD21 . ASN A 1 3 ? 7.236  -0.326 -7.900  1.00 7.63  ? 170 ASN A HD21 1 
ATOM   53  H HD22 . ASN A 1 3 ? 5.880  -0.944 -8.251  1.00 7.63  ? 170 ASN A HD22 1 
ATOM   54  N N    . ASN A 1 4 ? 2.712  -1.759 -3.397  1.00 3.71  ? 171 ASN A N    1 
ATOM   55  C CA   . ASN A 1 4 ? 1.375  -1.620 -2.780  1.00 2.48  ? 171 ASN A CA   1 
ATOM   56  C C    . ASN A 1 4 ? 1.589  -1.091 -1.367  1.00 2.36  ? 171 ASN A C    1 
ATOM   57  O O    . ASN A 1 4 ? 2.372  -1.707 -0.611  1.00 5.24  ? 171 ASN A O    1 
ATOM   58  C CB   . ASN A 1 4 ? 0.623  -2.952 -2.769  1.00 2.93  ? 171 ASN A CB   1 
ATOM   59  C CG   . ASN A 1 4 ? -0.783 -2.874 -2.207  1.00 3.13  ? 171 ASN A CG   1 
ATOM   60  O OD1  . ASN A 1 4 ? -1.583 -2.031 -2.609  1.00 5.67  ? 171 ASN A OD1  1 
ATOM   61  N ND2  . ASN A 1 4 ? -1.112 -3.801 -1.305  1.00 4.70  ? 171 ASN A ND2  1 
ATOM   62  H H    . ASN A 1 4 ? 3.369  -2.046 -2.834  1.00 3.27  ? 171 ASN A H    1 
ATOM   63  H HA   . ASN A 1 4 ? 0.847  -0.969 -3.296  1.00 2.75  ? 171 ASN A HA   1 
ATOM   64  H HB2  . ASN A 1 4 ? 0.576  -3.290 -3.687  1.00 2.86  ? 171 ASN A HB2  1 
ATOM   65  H HB3  . ASN A 1 4 ? 1.137  -3.596 -2.241  1.00 2.87  ? 171 ASN A HB3  1 
ATOM   66  H HD21 . ASN A 1 4 ? -1.533 -3.567 -0.563  1.00 4.14  ? 171 ASN A HD21 1 
ATOM   67  H HD22 . ASN A 1 4 ? -0.908 -4.649 -1.448  1.00 4.14  ? 171 ASN A HD22 1 
ATOM   68  N N    . GLN A 1 5 ? 0.973  0.038  -1.040  1.00 2.49  ? 172 GLN A N    1 
ATOM   69  C CA   . GLN A 1 5 ? 1.080  0.589  0.344   1.00 1.85  ? 172 GLN A CA   1 
ATOM   70  C C    . GLN A 1 5 ? -0.279 1.199  0.687   1.00 2.04  ? 172 GLN A C    1 
ATOM   71  O O    . GLN A 1 5 ? -0.798 2.022  -0.086  1.00 4.30  ? 172 GLN A O    1 
ATOM   72  C CB   . GLN A 1 5 ? 2.220  1.602  0.550   1.00 1.77  ? 172 GLN A CB   1 
ATOM   73  C CG   . GLN A 1 5 ? 2.649  1.816  2.004   1.00 2.10  ? 172 GLN A CG   1 
ATOM   74  C CD   . GLN A 1 5 ? 1.759  2.736  2.788   1.00 2.49  ? 172 GLN A CD   1 
ATOM   75  O OE1  . GLN A 1 5 ? 1.210  3.698  2.276   1.00 4.44  ? 172 GLN A OE1  1 
ATOM   76  N NE2  . GLN A 1 5 ? 1.571  2.463  4.058   1.00 3.94  ? 172 GLN A NE2  1 
ATOM   77  H H    . GLN A 1 5 ? 0.472  0.530  -1.620  1.00 2.29  ? 172 GLN A H    1 
ATOM   78  H HA   . GLN A 1 5 ? 1.232  -0.165 0.951   1.00 1.99  ? 172 GLN A HA   1 
ATOM   79  H HB2  . GLN A 1 5 ? 2.996  1.296  0.037   1.00 1.86  ? 172 GLN A HB2  1 
ATOM   80  H HB3  . GLN A 1 5 ? 1.939  2.461  0.173   1.00 1.87  ? 172 GLN A HB3  1 
ATOM   81  H HG2  . GLN A 1 5 ? 2.676  0.948  2.455   1.00 2.11  ? 172 GLN A HG2  1 
ATOM   82  H HG3  . GLN A 1 5 ? 3.558  2.178  2.011   1.00 2.10  ? 172 GLN A HG3  1 
ATOM   83  H HE21 . GLN A 1 5 ? 0.752  2.455  4.391   1.00 3.42  ? 172 GLN A HE21 1 
ATOM   84  H HE22 . GLN A 1 5 ? 2.262  2.288  4.580   1.00 3.42  ? 172 GLN A HE22 1 
ATOM   85  N N    . ASN A 1 6 ? -0.818 0.910  1.849   1.00 2.54  ? 173 ASN A N    1 
ATOM   86  C CA   . ASN A 1 6 ? -2.131 1.440  2.224   1.00 2.02  ? 173 ASN A CA   1 
ATOM   87  C C    . ASN A 1 6 ? -2.094 1.789  3.713   1.00 2.24  ? 173 ASN A C    1 
ATOM   88  O O    . ASN A 1 6 ? -1.576 0.999  4.518   1.00 5.18  ? 173 ASN A O    1 
ATOM   89  C CB   . ASN A 1 6 ? -3.282 0.482  1.866   1.00 2.07  ? 173 ASN A CB   1 
ATOM   90  C CG   . ASN A 1 6 ? -3.369 0.053  0.409   1.00 2.55  ? 173 ASN A CG   1 
ATOM   91  O OD1  . ASN A 1 6 ? -3.991 0.747  -0.391  1.00 5.69  ? 173 ASN A OD1  1 
ATOM   92  N ND2  . ASN A 1 6 ? -2.720 -1.042 0.057   1.00 4.12  ? 173 ASN A ND2  1 
ATOM   93  H H    . ASN A 1 6 ? -0.422 0.374  2.473   1.00 2.28  ? 173 ASN A H    1 
ATOM   94  H HA   . ASN A 1 6 ? -2.277 2.272  1.718   1.00 2.17  ? 173 ASN A HA   1 
ATOM   95  H HB2  . ASN A 1 6 ? -3.196 -0.320 2.420   1.00 2.17  ? 173 ASN A HB2  1 
ATOM   96  H HB3  . ASN A 1 6 ? -4.126 0.916  2.109   1.00 2.17  ? 173 ASN A HB3  1 
ATOM   97  H HD21 . ASN A 1 6 ? -3.063 -1.584 -0.552  1.00 3.55  ? 173 ASN A HD21 1 
ATOM   98  H HD22 . ASN A 1 6 ? -1.942 -1.235 0.431   1.00 3.55  ? 173 ASN A HD22 1 
ATOM   99  N N    . ASN A 1 7 ? -2.699 2.943  4.035   1.00 3.14  ? 174 ASN A N    1 
ATOM   100 C CA   . ASN A 1 7 ? -2.801 3.454  5.420   1.00 2.55  ? 174 ASN A CA   1 
ATOM   101 C C    . ASN A 1 7 ? -4.284 3.504  5.796   1.00 2.90  ? 174 ASN A C    1 
ATOM   102 O O    . ASN A 1 7 ? -5.081 4.124  5.061   1.00 6.40  ? 174 ASN A O    1 
ATOM   103 C CB   . ASN A 1 7 ? -2.167 4.842  5.621   1.00 2.50  ? 174 ASN A CB   1 
ATOM   104 C CG   . ASN A 1 7 ? -0.657 4.862  5.419   1.00 2.70  ? 174 ASN A CG   1 
ATOM   105 O OD1  . ASN A 1 7 ? 0.062  4.045  5.979   1.00 5.11  ? 174 ASN A OD1  1 
ATOM   106 N ND2  . ASN A 1 7 ? -0.146 5.847  4.686   1.00 3.27  ? 174 ASN A ND2  1 
ATOM   107 H H    . ASN A 1 7 ? -3.089 3.484  3.415   1.00 2.76  ? 174 ASN A H    1 
ATOM   108 H HA   . ASN A 1 7 ? -2.343 2.823  6.022   1.00 2.72  ? 174 ASN A HA   1 
ATOM   109 H HB2  . ASN A 1 7 ? -2.578 5.469  4.992   1.00 2.56  ? 174 ASN A HB2  1 
ATOM   110 H HB3  . ASN A 1 7 ? -2.368 5.150  6.528   1.00 2.56  ? 174 ASN A HB3  1 
ATOM   111 H HD21 . ASN A 1 7 ? 0.416  5.662  4.029   1.00 3.08  ? 174 ASN A HD21 1 
ATOM   112 H HD22 . ASN A 1 7 ? -0.369 6.685  4.854   1.00 3.08  ? 174 ASN A HD22 1 
ATOM   113 N N    . PHE A 1 8 ? -4.653 2.916  6.932   1.00 4.29  ? 175 PHE A N    1 
ATOM   114 C CA   . PHE A 1 8 ? -6.039 2.879  7.467   1.00 4.08  ? 175 PHE A CA   1 
ATOM   115 C C    . PHE A 1 8 ? -5.957 3.539  8.841   1.00 4.83  ? 175 PHE A C    1 
ATOM   116 O O    . PHE A 1 8 ? -5.404 2.902  9.736   1.00 8.62  ? 175 PHE A O    1 
ATOM   117 C CB   . PHE A 1 8 ? -6.597 1.447  7.490   1.00 4.76  ? 175 PHE A CB   1 
ATOM   118 C CG   . PHE A 1 8 ? -6.632 0.763  6.150   1.00 5.45  ? 175 PHE A CG   1 
ATOM   119 C CD1  . PHE A 1 8 ? -5.546 0.043  5.698   1.00 5.48  ? 175 PHE A CD1  1 
ATOM   120 C CD2  . PHE A 1 8 ? -7.764 0.831  5.357   1.00 5.85  ? 175 PHE A CD2  1 
ATOM   121 C CE1  . PHE A 1 8 ? -5.581 -0.599 4.469   1.00 6.36  ? 175 PHE A CE1  1 
ATOM   122 C CE2  . PHE A 1 8 ? -7.806 0.183  4.127   1.00 6.58  ? 175 PHE A CE2  1 
ATOM   123 C CZ   . PHE A 1 8 ? -6.716 -0.531 3.698   1.00 6.44  ? 175 PHE A CZ   1 
ATOM   124 H H    . PHE A 1 8 ? -4.065 2.481  7.475   1.00 3.86  ? 175 PHE A H    1 
ATOM   125 H HA   . PHE A 1 8 ? -6.619 3.433  6.886   1.00 4.39  ? 175 PHE A HA   1 
ATOM   126 H HB2  . PHE A 1 8 ? -6.051 0.912  8.103   1.00 4.74  ? 175 PHE A HB2  1 
ATOM   127 H HB3  . PHE A 1 8 ? -7.508 1.477  7.852   1.00 4.74  ? 175 PHE A HB3  1 
ATOM   128 H HD1  . PHE A 1 8 ? -4.769 -0.012 6.232   1.00 5.70  ? 175 PHE A HD1  1 
ATOM   129 H HD2  . PHE A 1 8 ? -8.517 1.314  5.659   1.00 5.92  ? 175 PHE A HD2  1 
ATOM   130 H HE1  . PHE A 1 8 ? -4.832 -1.090 4.170   1.00 6.13  ? 175 PHE A HE1  1 
ATOM   131 H HE2  . PHE A 1 8 ? -8.581 0.234  3.591   1.00 6.32  ? 175 PHE A HE2  1 
ATOM   132 H HZ   . PHE A 1 8 ? -6.739 -0.960 2.858   1.00 6.39  ? 175 PHE A HZ   1 
ATOM   133 N N    . VAL A 1 9 ? -6.465 4.762  8.973   1.00 8.29  ? 176 VAL A N    1 
ATOM   134 C CA   . VAL A 1 9 ? -6.540 5.513  10.261  1.00 9.35  ? 176 VAL A CA   1 
ATOM   135 C C    . VAL A 1 9 ? -8.020 5.661  10.624  1.00 16.08 ? 176 VAL A C    1 
ATOM   136 O O    . VAL A 1 9 ? -8.802 6.173  9.819   1.00 24.10 ? 176 VAL A O    1 
ATOM   137 C CB   . VAL A 1 9 ? -5.869 6.902  10.176  1.00 13.45 ? 176 VAL A CB   1 
ATOM   138 C CG1  . VAL A 1 9 ? -5.906 7.631  11.515  1.00 16.26 ? 176 VAL A CG1  1 
ATOM   139 C CG2  . VAL A 1 9 ? -4.461 6.835  9.618   1.00 14.66 ? 176 VAL A CG2  1 
ATOM   140 H H    . VAL A 1 9 ? -6.803 5.228  8.267   1.00 7.47  ? 176 VAL A H    1 
ATOM   141 H HA   . VAL A 1 9 ? -6.098 4.993  10.955  1.00 10.86 ? 176 VAL A HA   1 
ATOM   142 H HB   . VAL A 1 9 ? -6.406 7.437  9.541   1.00 13.22 ? 176 VAL A HB   1 
ATOM   143 H HG11 . VAL A 1 9 ? -6.770 8.065  11.625  1.00 15.33 ? 176 VAL A HG11 1 
ATOM   144 H HG12 . VAL A 1 9 ? -5.202 8.302  11.541  1.00 15.33 ? 176 VAL A HG12 1 
ATOM   145 H HG13 . VAL A 1 9 ? -5.772 6.993  12.237  1.00 15.31 ? 176 VAL A HG13 1 
ATOM   146 H HG21 . VAL A 1 9 ? -3.925 6.228  10.157  1.00 14.27 ? 176 VAL A HG21 1 
ATOM   147 H HG22 . VAL A 1 9 ? -4.061 7.722  9.636   1.00 14.27 ? 176 VAL A HG22 1 
ATOM   148 H HG23 . VAL A 1 9 ? -4.490 6.513  8.700   1.00 14.26 ? 176 VAL A HG23 1 
HETATM 149 O O    . HOH B 2 . ? 9.502  0.836  -7.896  1.00 22.65 ? 201 HOH A O    1 
HETATM 150 O O    . HOH B 2 . ? 9.633  -0.314 -5.488  1.00 19.83 ? 202 HOH A O    1 
# 
